data_3A2M
#
_entry.id   3A2M
#
_cell.length_a   125.577
_cell.length_b   48.866
_cell.length_c   106.580
_cell.angle_alpha   90.00
_cell.angle_beta   97.36
_cell.angle_gamma   90.00
#
_symmetry.space_group_name_H-M   'C 1 2 1'
#
loop_
_entity.id
_entity.type
_entity.pdbx_description
1 polymer 'Haloalkane dehalogenase'
2 branched beta-D-fructofuranose-(2-1)-alpha-D-glucopyranose
3 non-polymer 'CHLORIDE ION'
4 water water
#
_entity_poly.entity_id   1
_entity_poly.type   'polypeptide(L)'
_entity_poly.pdbx_seq_one_letter_code
;MSKPIEIEIRRAPVLGSSMAYRETGAQDAPVVLFLHGNPTSSHIWRNILPLVSPVAHCIAPDLIGFGQSGKPDIAYRFFD
HVRYLDAFIEQRGVTSAYLVAQDWGTALAFHLAARRPDFVRGLAFMEFIRPMPTWQDFHHTEVAEEQDHAEAARAVFRKF
RTPGEGEAMILEANAFVERVLPGGIVRKLGDEEMAPYRTPFPTPESRRPVLAFPRELPIAGEPADVYEALQSAHAALAAS
SYPKLLFTGEPGALVSPEFAERFAASLTRCALIRLGAGLHYLQEDHADAIGRSVAGWIAGIEAVRPQLAAVD
;
_entity_poly.pdbx_strand_id   A,B
#
# COMPACT_ATOMS: atom_id res chain seq x y z
N GLU A 8 8.70 15.52 -13.64
CA GLU A 8 9.54 16.70 -14.04
C GLU A 8 10.90 16.69 -13.36
N ILE A 9 11.96 16.77 -14.18
CA ILE A 9 13.38 16.73 -13.76
C ILE A 9 14.09 18.08 -13.86
N ARG A 10 14.37 18.65 -12.70
CA ARG A 10 14.83 20.00 -12.56
C ARG A 10 16.25 20.04 -11.96
N ARG A 11 16.81 21.23 -11.89
CA ARG A 11 18.16 21.40 -11.40
C ARG A 11 18.20 22.52 -10.37
N ALA A 12 18.87 22.29 -9.25
CA ALA A 12 18.99 23.30 -8.19
C ALA A 12 20.45 23.65 -8.03
N PRO A 13 20.79 24.96 -7.88
CA PRO A 13 22.16 25.32 -7.53
C PRO A 13 22.41 24.96 -6.09
N VAL A 14 23.52 24.29 -5.85
CA VAL A 14 23.86 23.80 -4.52
C VAL A 14 25.36 23.96 -4.31
N LEU A 15 25.74 24.80 -3.37
CA LEU A 15 27.15 24.95 -2.94
C LEU A 15 28.14 25.24 -4.10
N GLY A 16 27.67 25.96 -5.13
CA GLY A 16 28.52 26.29 -6.26
C GLY A 16 28.55 25.23 -7.34
N SER A 17 27.75 24.19 -7.13
CA SER A 17 27.55 23.13 -8.11
C SER A 17 26.03 23.04 -8.32
N SER A 18 25.54 21.87 -8.68
CA SER A 18 24.10 21.70 -8.86
C SER A 18 23.68 20.27 -8.56
N MET A 19 22.43 20.13 -8.16
CA MET A 19 21.81 18.82 -8.00
C MET A 19 20.54 18.73 -8.83
N ALA A 20 20.44 17.65 -9.59
CA ALA A 20 19.22 17.38 -10.35
C ALA A 20 18.24 16.74 -9.39
N TYR A 21 16.98 16.89 -9.71
CA TYR A 21 15.93 16.24 -8.94
C TYR A 21 14.65 16.08 -9.72
N ARG A 22 13.87 15.07 -9.32
CA ARG A 22 12.55 14.80 -9.89
C ARG A 22 11.53 15.29 -8.91
N GLU A 23 10.45 15.85 -9.41
CA GLU A 23 9.46 16.40 -8.52
C GLU A 23 8.07 16.13 -9.08
N THR A 24 7.15 15.71 -8.22
CA THR A 24 5.77 15.49 -8.61
C THR A 24 4.84 15.63 -7.43
N GLY A 25 3.55 15.85 -7.73
CA GLY A 25 2.56 16.06 -6.73
C GLY A 25 2.25 17.55 -6.61
N ALA A 26 1.03 17.82 -6.16
CA ALA A 26 0.66 19.17 -5.70
C ALA A 26 1.69 19.60 -4.68
N GLN A 27 2.22 20.82 -4.86
CA GLN A 27 3.26 21.34 -3.97
C GLN A 27 2.66 22.04 -2.76
N ASP A 28 1.36 21.97 -2.60
CA ASP A 28 0.69 22.38 -1.35
C ASP A 28 0.46 21.22 -0.36
N ALA A 29 1.14 20.07 -0.52
CA ALA A 29 0.91 18.85 0.31
C ALA A 29 2.17 18.53 1.17
N PRO A 30 2.12 17.56 2.14
CA PRO A 30 3.38 17.32 2.89
C PRO A 30 4.47 16.87 1.95
N VAL A 31 5.72 17.19 2.29
CA VAL A 31 6.82 16.87 1.42
C VAL A 31 7.33 15.47 1.75
N VAL A 32 7.69 14.72 0.71
CA VAL A 32 8.39 13.44 0.88
C VAL A 32 9.68 13.50 0.10
N LEU A 33 10.82 13.29 0.78
CA LEU A 33 12.11 13.24 0.14
C LEU A 33 12.52 11.81 -0.09
N PHE A 34 12.80 11.46 -1.34
CA PHE A 34 13.22 10.08 -1.69
C PHE A 34 14.73 10.06 -1.90
N LEU A 35 15.43 9.23 -1.14
CA LEU A 35 16.90 9.25 -1.13
C LEU A 35 17.46 7.90 -1.63
N HIS A 36 18.11 7.93 -2.77
CA HIS A 36 18.73 6.79 -3.41
C HIS A 36 20.13 6.58 -2.82
N GLY A 37 20.77 5.44 -3.16
CA GLY A 37 22.16 5.25 -2.83
C GLY A 37 23.00 4.84 -4.02
N ASN A 38 23.90 3.88 -3.79
CA ASN A 38 24.93 3.52 -4.78
C ASN A 38 24.50 2.32 -5.61
N PRO A 39 24.71 2.35 -6.94
CA PRO A 39 25.16 3.38 -7.87
C PRO A 39 23.98 3.90 -8.65
N THR A 40 22.93 4.29 -7.93
CA THR A 40 21.67 4.61 -8.57
C THR A 40 21.48 6.15 -8.65
N SER A 41 20.25 6.58 -8.86
CA SER A 41 19.88 8.01 -8.89
C SER A 41 18.39 8.05 -8.62
N SER A 42 17.80 9.24 -8.74
CA SER A 42 16.34 9.39 -8.64
C SER A 42 15.55 8.49 -9.63
N HIS A 43 16.22 8.03 -10.68
CA HIS A 43 15.69 7.06 -11.62
C HIS A 43 15.05 5.85 -10.93
N ILE A 44 15.65 5.37 -9.82
CA ILE A 44 15.17 4.17 -9.14
C ILE A 44 13.77 4.36 -8.54
N TRP A 45 13.35 5.62 -8.34
CA TRP A 45 12.06 5.94 -7.75
C TRP A 45 10.96 6.16 -8.84
N ARG A 46 11.34 6.02 -10.11
CA ARG A 46 10.50 6.50 -11.22
C ARG A 46 9.10 5.87 -11.26
N ASN A 47 8.98 4.61 -10.83
CA ASN A 47 7.70 3.91 -10.79
C ASN A 47 6.99 3.95 -9.43
N ILE A 48 7.64 4.55 -8.46
CA ILE A 48 7.12 4.73 -7.12
C ILE A 48 6.50 6.12 -6.98
N LEU A 49 7.18 7.15 -7.48
CA LEU A 49 6.68 8.54 -7.38
C LEU A 49 5.20 8.73 -7.81
N PRO A 50 4.77 8.13 -8.94
CA PRO A 50 3.37 8.37 -9.38
C PRO A 50 2.29 7.81 -8.45
N LEU A 51 2.68 6.88 -7.58
CA LEU A 51 1.79 6.27 -6.60
C LEU A 51 1.69 7.07 -5.30
N VAL A 52 2.68 7.91 -5.02
CA VAL A 52 2.74 8.73 -3.83
C VAL A 52 2.34 10.18 -4.10
N SER A 53 2.53 10.65 -5.33
CA SER A 53 2.18 12.03 -5.69
C SER A 53 0.71 12.44 -5.41
N PRO A 54 -0.25 11.50 -5.45
CA PRO A 54 -1.63 11.94 -5.08
C PRO A 54 -1.76 12.42 -3.64
N VAL A 55 -0.85 12.02 -2.75
CA VAL A 55 -0.96 12.39 -1.36
C VAL A 55 0.18 13.26 -0.85
N ALA A 56 1.19 13.51 -1.68
CA ALA A 56 2.35 14.24 -1.21
C ALA A 56 3.11 14.96 -2.29
N HIS A 57 3.85 15.98 -1.88
CA HIS A 57 4.79 16.67 -2.74
C HIS A 57 6.09 15.88 -2.73
N CYS A 58 6.33 15.15 -3.81
CA CYS A 58 7.43 14.21 -3.92
C CYS A 58 8.65 14.91 -4.50
N ILE A 59 9.77 14.79 -3.80
CA ILE A 59 11.03 15.35 -4.26
C ILE A 59 12.12 14.28 -4.16
N ALA A 60 12.74 13.97 -5.29
CA ALA A 60 13.73 12.92 -5.36
C ALA A 60 15.03 13.46 -5.94
N PRO A 61 15.97 13.88 -5.05
CA PRO A 61 17.23 14.37 -5.62
C PRO A 61 18.21 13.30 -6.10
N ASP A 62 19.04 13.67 -7.09
CA ASP A 62 20.26 12.94 -7.43
C ASP A 62 21.39 13.42 -6.53
N LEU A 63 22.00 12.49 -5.79
CA LEU A 63 23.10 12.87 -4.92
C LEU A 63 24.19 13.53 -5.78
N ILE A 64 25.01 14.36 -5.15
CA ILE A 64 26.09 15.02 -5.88
C ILE A 64 26.98 13.92 -6.50
N GLY A 65 27.33 14.12 -7.78
CA GLY A 65 28.09 13.17 -8.55
C GLY A 65 27.33 11.95 -9.06
N PHE A 66 26.03 11.88 -8.80
CA PHE A 66 25.19 10.82 -9.29
C PHE A 66 24.11 11.39 -10.24
N GLY A 67 23.52 10.50 -11.04
CA GLY A 67 22.47 10.85 -11.97
C GLY A 67 22.87 12.05 -12.81
N GLN A 68 22.01 13.06 -12.81
CA GLN A 68 22.19 14.28 -13.59
C GLN A 68 22.73 15.45 -12.77
N SER A 69 23.17 15.17 -11.55
CA SER A 69 23.80 16.18 -10.72
C SER A 69 25.16 16.57 -11.23
N GLY A 70 25.62 17.73 -10.77
CA GLY A 70 27.00 18.13 -10.98
C GLY A 70 28.04 17.13 -10.56
N LYS A 71 29.24 17.29 -11.13
CA LYS A 71 30.37 16.43 -10.83
C LYS A 71 31.58 17.22 -10.34
N PRO A 72 31.47 17.86 -9.15
CA PRO A 72 32.62 18.63 -8.62
C PRO A 72 33.80 17.71 -8.27
N ASP A 73 34.99 18.27 -8.24
CA ASP A 73 36.20 17.51 -7.99
C ASP A 73 36.42 17.42 -6.48
N ILE A 74 35.66 16.52 -5.86
CA ILE A 74 35.63 16.33 -4.40
C ILE A 74 35.81 14.86 -4.07
N ALA A 75 35.91 14.55 -2.79
CA ALA A 75 36.22 13.20 -2.33
C ALA A 75 35.01 12.26 -2.42
N TYR A 76 33.82 12.84 -2.32
CA TYR A 76 32.57 12.09 -2.32
C TYR A 76 32.50 11.10 -1.14
N ARG A 77 33.02 11.54 -0.01
CA ARG A 77 32.83 10.80 1.21
C ARG A 77 31.38 10.98 1.70
N PHE A 78 30.96 10.15 2.67
CA PHE A 78 29.62 10.24 3.26
C PHE A 78 29.35 11.66 3.73
N PHE A 79 30.32 12.28 4.39
CA PHE A 79 30.11 13.63 4.93
C PHE A 79 30.00 14.71 3.84
N ASP A 80 30.58 14.46 2.67
CA ASP A 80 30.38 15.35 1.53
C ASP A 80 28.95 15.28 1.07
N HIS A 81 28.39 14.05 0.96
CA HIS A 81 27.00 13.89 0.62
C HIS A 81 26.06 14.57 1.62
N VAL A 82 26.38 14.46 2.90
CA VAL A 82 25.61 15.11 3.95
C VAL A 82 25.49 16.61 3.69
N ARG A 83 26.62 17.26 3.42
CA ARG A 83 26.65 18.70 3.19
C ARG A 83 25.82 19.09 1.98
N TYR A 84 25.96 18.35 0.86
CA TYR A 84 25.20 18.67 -0.36
C TYR A 84 23.73 18.41 -0.19
N LEU A 85 23.36 17.31 0.47
CA LEU A 85 21.94 17.08 0.68
C LEU A 85 21.29 18.14 1.58
N ASP A 86 21.95 18.50 2.68
CA ASP A 86 21.51 19.60 3.56
C ASP A 86 21.30 20.90 2.78
N ALA A 87 22.25 21.21 1.90
CA ALA A 87 22.19 22.42 1.10
C ALA A 87 21.04 22.39 0.10
N PHE A 88 20.79 21.21 -0.48
CA PHE A 88 19.67 21.01 -1.40
C PHE A 88 18.35 21.29 -0.69
N ILE A 89 18.17 20.69 0.47
CA ILE A 89 16.95 20.86 1.29
C ILE A 89 16.72 22.36 1.64
N GLU A 90 17.76 23.01 2.07
CA GLU A 90 17.71 24.47 2.33
C GLU A 90 17.32 25.22 1.05
N GLN A 91 18.01 24.93 -0.05
CA GLN A 91 17.73 25.63 -1.33
C GLN A 91 16.28 25.45 -1.78
N ARG A 92 15.72 24.24 -1.63
CA ARG A 92 14.33 23.99 -1.97
C ARG A 92 13.34 24.56 -0.95
N GLY A 93 13.82 25.01 0.20
CA GLY A 93 12.93 25.58 1.21
C GLY A 93 12.07 24.59 1.97
N VAL A 94 12.53 23.35 2.06
CA VAL A 94 11.78 22.31 2.75
C VAL A 94 12.03 22.39 4.25
N THR A 95 10.97 22.60 5.03
CA THR A 95 11.09 22.75 6.48
C THR A 95 10.76 21.52 7.27
N SER A 96 10.09 20.57 6.62
CA SER A 96 9.89 19.25 7.22
C SER A 96 9.47 18.30 6.11
N ALA A 97 9.72 17.02 6.32
CA ALA A 97 9.44 16.02 5.28
C ALA A 97 9.39 14.60 5.86
N TYR A 98 8.66 13.76 5.15
CA TYR A 98 8.85 12.31 5.27
C TYR A 98 10.11 12.00 4.49
N LEU A 99 10.80 10.94 4.92
CA LEU A 99 11.99 10.46 4.22
C LEU A 99 11.73 9.04 3.77
N VAL A 100 12.03 8.72 2.50
CA VAL A 100 11.90 7.35 1.96
C VAL A 100 13.28 7.00 1.37
N ALA A 101 13.91 5.94 1.86
CA ALA A 101 15.33 5.77 1.62
C ALA A 101 15.73 4.30 1.42
N GLN A 102 16.78 4.09 0.66
CA GLN A 102 17.38 2.77 0.43
C GLN A 102 18.91 2.90 0.38
N ASP A 103 19.64 1.89 0.85
CA ASP A 103 21.14 1.85 0.76
C ASP A 103 21.75 3.10 1.45
N TRP A 104 22.67 3.79 0.81
CA TRP A 104 23.28 4.99 1.38
C TRP A 104 22.26 6.12 1.65
N GLY A 105 21.14 6.13 0.94
CA GLY A 105 20.09 7.06 1.29
C GLY A 105 19.62 6.89 2.73
N THR A 106 19.63 5.65 3.24
CA THR A 106 19.24 5.43 4.63
C THR A 106 20.21 6.02 5.64
N ALA A 107 21.51 5.95 5.35
CA ALA A 107 22.53 6.54 6.23
C ALA A 107 22.35 8.04 6.27
N LEU A 108 22.08 8.62 5.11
CA LEU A 108 21.79 10.07 5.01
C LEU A 108 20.51 10.46 5.79
N ALA A 109 19.48 9.62 5.64
CA ALA A 109 18.20 9.81 6.35
C ALA A 109 18.41 9.70 7.86
N PHE A 110 19.09 8.63 8.33
CA PHE A 110 19.34 8.44 9.76
C PHE A 110 20.13 9.61 10.36
N HIS A 111 21.16 10.06 9.66
CA HIS A 111 22.04 11.16 10.10
C HIS A 111 21.30 12.51 10.12
N LEU A 112 20.43 12.72 9.13
CA LEU A 112 19.60 13.90 9.09
C LEU A 112 18.61 13.93 10.28
N ALA A 113 17.93 12.81 10.48
CA ALA A 113 16.98 12.68 11.57
C ALA A 113 17.65 12.91 12.90
N ALA A 114 18.88 12.43 13.08
CA ALA A 114 19.58 12.58 14.35
C ALA A 114 19.92 14.02 14.66
N ARG A 115 20.30 14.75 13.62
CA ARG A 115 20.70 16.16 13.75
C ARG A 115 19.50 17.12 13.80
N ARG A 116 18.40 16.74 13.17
CA ARG A 116 17.19 17.58 13.01
C ARG A 116 15.88 16.77 13.28
N PRO A 117 15.70 16.29 14.53
CA PRO A 117 14.50 15.46 14.81
C PRO A 117 13.20 16.17 14.49
N ASP A 118 13.20 17.49 14.64
CA ASP A 118 12.03 18.29 14.31
C ASP A 118 11.65 18.28 12.83
N PHE A 119 12.58 17.87 11.96
CA PHE A 119 12.36 17.89 10.54
C PHE A 119 11.55 16.69 10.07
N VAL A 120 11.64 15.58 10.79
CA VAL A 120 11.23 14.26 10.23
C VAL A 120 9.77 13.94 10.56
N ARG A 121 8.92 13.88 9.54
CA ARG A 121 7.51 13.52 9.72
C ARG A 121 7.34 11.99 9.85
N GLY A 122 8.34 11.25 9.36
CA GLY A 122 8.29 9.79 9.33
C GLY A 122 9.39 9.29 8.43
N LEU A 123 9.77 8.04 8.61
CA LEU A 123 10.87 7.46 7.84
C LEU A 123 10.44 6.10 7.31
N ALA A 124 10.43 5.98 5.99
CA ALA A 124 10.19 4.69 5.29
C ALA A 124 11.54 4.25 4.72
N PHE A 125 11.96 3.00 4.99
CA PHE A 125 13.31 2.62 4.67
C PHE A 125 13.38 1.14 4.38
N MET A 126 14.50 0.75 3.79
CA MET A 126 14.68 -0.64 3.33
C MET A 126 16.16 -0.79 3.03
N GLU A 127 16.69 -2.01 3.18
CA GLU A 127 18.06 -2.34 2.73
C GLU A 127 19.04 -1.27 3.19
N PHE A 128 19.03 -1.06 4.51
CA PHE A 128 19.67 0.07 5.14
C PHE A 128 21.06 -0.25 5.68
N ILE A 129 21.81 0.81 5.95
CA ILE A 129 23.16 0.70 6.45
C ILE A 129 23.20 0.90 7.97
N ARG A 130 23.98 0.04 8.63
CA ARG A 130 24.15 0.10 10.06
C ARG A 130 25.61 -0.23 10.35
N PRO A 131 26.13 0.23 11.49
CA PRO A 131 27.52 -0.21 11.83
C PRO A 131 27.63 -1.72 11.90
N MET A 132 28.67 -2.29 11.31
CA MET A 132 28.82 -3.73 11.23
C MET A 132 30.13 -4.13 11.91
N PRO A 133 30.06 -4.61 13.17
CA PRO A 133 31.29 -4.92 13.97
C PRO A 133 32.27 -5.85 13.27
N THR A 134 31.76 -6.84 12.55
CA THR A 134 32.60 -7.73 11.77
C THR A 134 32.08 -7.90 10.35
N TRP A 135 32.90 -8.49 9.47
CA TRP A 135 32.45 -8.77 8.11
C TRP A 135 31.29 -9.72 8.02
N GLN A 136 31.13 -10.59 9.02
CA GLN A 136 29.96 -11.44 9.16
C GLN A 136 28.65 -10.64 9.26
N ASP A 137 28.73 -9.40 9.75
CA ASP A 137 27.53 -8.57 9.88
C ASP A 137 27.16 -7.88 8.57
N PHE A 138 28.06 -7.88 7.59
CA PHE A 138 27.75 -7.40 6.23
C PHE A 138 27.09 -8.54 5.48
N HIS A 139 25.91 -8.29 4.92
CA HIS A 139 25.09 -9.37 4.32
C HIS A 139 24.83 -10.46 5.34
N HIS A 140 24.55 -10.05 6.56
CA HIS A 140 24.24 -10.95 7.66
C HIS A 140 22.99 -11.77 7.37
N THR A 141 23.03 -13.06 7.69
CA THR A 141 21.83 -13.90 7.66
C THR A 141 22.07 -15.18 8.45
N GLU A 142 21.04 -15.70 9.10
CA GLU A 142 21.15 -16.95 9.87
C GLU A 142 20.57 -18.14 9.10
N VAL A 143 20.27 -17.92 7.82
CA VAL A 143 19.58 -18.90 6.98
C VAL A 143 20.62 -19.76 6.26
N ALA A 144 20.63 -21.07 6.55
CA ALA A 144 21.66 -21.98 6.01
C ALA A 144 21.84 -21.88 4.46
N GLU A 145 20.73 -21.77 3.74
CA GLU A 145 20.78 -21.71 2.27
C GLU A 145 21.38 -20.39 1.75
N GLU A 146 21.38 -19.33 2.58
CA GLU A 146 21.87 -18.03 2.13
C GLU A 146 23.36 -17.81 2.40
N GLN A 147 23.99 -18.73 3.15
CA GLN A 147 25.35 -18.49 3.60
C GLN A 147 26.31 -18.27 2.43
N ASP A 148 26.06 -18.99 1.33
CA ASP A 148 26.91 -18.93 0.13
C ASP A 148 26.91 -17.54 -0.53
N HIS A 149 25.71 -17.06 -0.84
CA HIS A 149 25.55 -15.75 -1.49
C HIS A 149 26.19 -14.63 -0.63
N ALA A 150 26.04 -14.75 0.68
CA ALA A 150 26.51 -13.72 1.61
C ALA A 150 28.01 -13.60 1.56
N GLU A 151 28.68 -14.75 1.58
CA GLU A 151 30.12 -14.79 1.48
C GLU A 151 30.68 -14.19 0.19
N ALA A 152 29.98 -14.35 -0.93
CA ALA A 152 30.46 -13.80 -2.20
C ALA A 152 30.40 -12.28 -2.21
N ALA A 153 29.34 -11.75 -1.60
CA ALA A 153 29.18 -10.30 -1.41
C ALA A 153 30.31 -9.76 -0.55
N ARG A 154 30.58 -10.44 0.55
CA ARG A 154 31.66 -10.04 1.43
C ARG A 154 32.96 -10.02 0.65
N ALA A 155 33.17 -11.04 -0.18
CA ALA A 155 34.45 -11.13 -0.90
C ALA A 155 34.61 -9.98 -1.88
N VAL A 156 33.53 -9.61 -2.55
CA VAL A 156 33.56 -8.55 -3.54
C VAL A 156 33.81 -7.18 -2.87
N PHE A 157 33.12 -6.93 -1.76
CA PHE A 157 33.23 -5.61 -1.13
C PHE A 157 34.58 -5.46 -0.41
N ARG A 158 35.13 -6.59 0.06
CA ARG A 158 36.50 -6.58 0.61
C ARG A 158 37.45 -6.08 -0.47
N LYS A 159 37.25 -6.55 -1.70
CA LYS A 159 38.07 -6.11 -2.81
C LYS A 159 37.81 -4.66 -3.21
N PHE A 160 36.54 -4.24 -3.21
CA PHE A 160 36.26 -2.85 -3.43
C PHE A 160 37.04 -1.97 -2.45
N ARG A 161 37.19 -2.42 -1.22
CA ARG A 161 37.85 -1.59 -0.18
C ARG A 161 39.37 -1.78 -0.14
N THR A 162 39.87 -2.59 -1.06
CA THR A 162 41.33 -2.81 -1.20
C THR A 162 41.94 -1.81 -2.19
N PRO A 163 43.01 -1.09 -1.81
CA PRO A 163 43.69 -0.19 -2.75
C PRO A 163 44.12 -0.88 -4.06
N GLY A 164 43.97 -0.19 -5.18
CA GLY A 164 44.25 -0.74 -6.51
C GLY A 164 43.15 -1.65 -7.03
N GLU A 165 42.78 -2.65 -6.23
CA GLU A 165 41.79 -3.61 -6.66
C GLU A 165 40.44 -2.93 -6.87
N GLY A 166 40.02 -2.12 -5.90
CA GLY A 166 38.74 -1.37 -6.03
C GLY A 166 38.70 -0.44 -7.22
N GLU A 167 39.80 0.29 -7.45
CA GLU A 167 39.90 1.15 -8.64
C GLU A 167 39.69 0.38 -9.97
N ALA A 168 40.40 -0.74 -10.08
CA ALA A 168 40.29 -1.58 -11.28
C ALA A 168 38.85 -2.08 -11.50
N MET A 169 38.22 -2.53 -10.43
CA MET A 169 36.87 -3.09 -10.48
C MET A 169 35.80 -2.04 -10.80
N ILE A 170 35.84 -0.94 -10.05
CA ILE A 170 34.80 0.06 -10.14
C ILE A 170 35.08 1.14 -11.13
N LEU A 171 36.28 1.73 -11.09
CA LEU A 171 36.58 2.83 -12.00
C LEU A 171 36.81 2.29 -13.40
N GLU A 172 37.58 1.23 -13.53
CA GLU A 172 37.92 0.75 -14.87
C GLU A 172 36.87 -0.21 -15.42
N ALA A 173 36.53 -1.24 -14.66
CA ALA A 173 35.62 -2.28 -15.16
C ALA A 173 34.13 -1.96 -14.91
N ASN A 174 33.85 -0.86 -14.21
CA ASN A 174 32.45 -0.46 -13.95
C ASN A 174 31.62 -1.55 -13.30
N ALA A 175 32.23 -2.34 -12.40
CA ALA A 175 31.59 -3.51 -11.80
C ALA A 175 30.35 -3.17 -10.97
N PHE A 176 30.32 -1.99 -10.36
CA PHE A 176 29.16 -1.66 -9.48
C PHE A 176 27.88 -1.50 -10.34
N VAL A 177 27.99 -0.80 -11.45
CA VAL A 177 26.86 -0.57 -12.36
C VAL A 177 26.57 -1.86 -13.15
N GLU A 178 27.61 -2.52 -13.66
CA GLU A 178 27.39 -3.68 -14.57
C GLU A 178 27.14 -5.01 -13.90
N ARG A 179 27.59 -5.15 -12.65
CA ARG A 179 27.48 -6.42 -11.95
C ARG A 179 26.68 -6.33 -10.64
N VAL A 180 27.03 -5.42 -9.74
CA VAL A 180 26.38 -5.35 -8.44
C VAL A 180 24.92 -4.92 -8.59
N LEU A 181 24.67 -3.92 -9.42
CA LEU A 181 23.30 -3.42 -9.60
C LEU A 181 22.34 -4.52 -10.13
N PRO A 182 22.61 -5.08 -11.33
CA PRO A 182 21.74 -6.16 -11.79
C PRO A 182 21.70 -7.36 -10.87
N GLY A 183 22.81 -7.63 -10.17
CA GLY A 183 22.89 -8.68 -9.18
C GLY A 183 21.94 -8.55 -8.02
N GLY A 184 21.51 -7.33 -7.69
CA GLY A 184 20.53 -7.11 -6.64
C GLY A 184 19.11 -6.80 -7.07
N ILE A 185 18.77 -7.13 -8.32
CA ILE A 185 17.43 -7.04 -8.87
C ILE A 185 17.04 -8.47 -9.31
N VAL A 186 15.89 -8.96 -8.85
CA VAL A 186 15.44 -10.30 -9.17
C VAL A 186 15.08 -10.44 -10.63
N ARG A 187 14.28 -9.50 -11.13
CA ARG A 187 13.94 -9.47 -12.55
C ARG A 187 15.08 -8.91 -13.39
N LYS A 188 14.98 -9.06 -14.71
CA LYS A 188 15.95 -8.44 -15.62
C LYS A 188 15.38 -7.13 -16.15
N LEU A 189 16.11 -6.04 -15.97
CA LEU A 189 15.64 -4.73 -16.43
C LEU A 189 15.61 -4.72 -17.95
N GLY A 190 14.63 -4.02 -18.51
CA GLY A 190 14.64 -3.74 -19.92
C GLY A 190 15.82 -2.83 -20.25
N ASP A 191 16.23 -2.84 -21.53
CA ASP A 191 17.26 -1.92 -22.01
C ASP A 191 17.03 -0.48 -21.64
N GLU A 192 15.80 -0.03 -21.80
CA GLU A 192 15.42 1.36 -21.59
C GLU A 192 15.41 1.71 -20.10
N GLU A 193 15.24 0.70 -19.25
CA GLU A 193 15.35 0.86 -17.79
C GLU A 193 16.79 0.85 -17.29
N MET A 194 17.64 0.02 -17.90
CA MET A 194 19.06 -0.02 -17.53
C MET A 194 19.84 1.19 -18.02
N ALA A 195 19.50 1.71 -19.19
CA ALA A 195 20.32 2.76 -19.80
C ALA A 195 20.55 4.03 -18.93
N PRO A 196 19.50 4.52 -18.27
CA PRO A 196 19.72 5.68 -17.36
C PRO A 196 20.56 5.41 -16.11
N TYR A 197 20.85 4.14 -15.80
CA TYR A 197 21.81 3.80 -14.76
C TYR A 197 23.24 3.88 -15.26
N ARG A 198 23.42 3.70 -16.58
CA ARG A 198 24.74 3.77 -17.21
C ARG A 198 25.17 5.19 -17.55
N THR A 199 24.23 6.00 -18.01
CA THR A 199 24.59 7.31 -18.59
C THR A 199 25.31 8.31 -17.66
N PRO A 200 25.06 8.23 -16.33
CA PRO A 200 25.86 9.12 -15.45
C PRO A 200 27.35 8.80 -15.34
N PHE A 201 27.76 7.61 -15.80
CA PHE A 201 29.08 7.09 -15.48
C PHE A 201 29.85 6.63 -16.75
N PRO A 202 30.08 7.55 -17.70
CA PRO A 202 30.77 7.16 -18.95
C PRO A 202 32.26 6.92 -18.85
N THR A 203 32.91 7.44 -17.81
CA THR A 203 34.38 7.39 -17.68
C THR A 203 34.83 6.89 -16.32
N PRO A 204 36.07 6.38 -16.23
CA PRO A 204 36.61 6.05 -14.92
C PRO A 204 36.56 7.21 -13.90
N GLU A 205 36.90 8.42 -14.33
CA GLU A 205 36.86 9.56 -13.42
C GLU A 205 35.46 9.77 -12.89
N SER A 206 34.46 9.67 -13.77
CA SER A 206 33.08 9.87 -13.39
C SER A 206 32.61 8.89 -12.35
N ARG A 207 33.30 7.75 -12.23
CA ARG A 207 32.92 6.69 -11.29
C ARG A 207 33.55 6.86 -9.90
N ARG A 208 34.27 7.97 -9.66
CA ARG A 208 34.85 8.17 -8.33
C ARG A 208 33.86 8.03 -7.17
N PRO A 209 32.67 8.61 -7.29
CA PRO A 209 31.69 8.50 -6.16
C PRO A 209 31.24 7.07 -5.89
N VAL A 210 31.23 6.26 -6.94
CA VAL A 210 30.78 4.87 -6.83
C VAL A 210 31.82 4.02 -6.10
N LEU A 211 33.09 4.39 -6.27
CA LEU A 211 34.18 3.73 -5.51
C LEU A 211 34.28 4.23 -4.07
N ALA A 212 33.99 5.49 -3.86
CA ALA A 212 34.10 6.10 -2.52
C ALA A 212 33.11 5.47 -1.59
N PHE A 213 31.89 5.21 -2.07
CA PHE A 213 30.82 4.70 -1.17
C PHE A 213 31.11 3.36 -0.44
N PRO A 214 31.54 2.30 -1.16
CA PRO A 214 31.86 1.07 -0.41
C PRO A 214 33.01 1.23 0.57
N ARG A 215 33.89 2.17 0.30
CA ARG A 215 34.99 2.52 1.21
C ARG A 215 34.54 3.31 2.43
N GLU A 216 33.30 3.79 2.41
CA GLU A 216 32.65 4.44 3.55
C GLU A 216 31.83 3.51 4.43
N LEU A 217 31.53 2.29 3.96
CA LEU A 217 30.71 1.39 4.74
C LEU A 217 31.34 1.16 6.13
N PRO A 218 30.55 1.29 7.20
CA PRO A 218 31.08 1.18 8.57
C PRO A 218 31.25 -0.28 8.94
N ILE A 219 32.42 -0.84 8.65
CA ILE A 219 32.71 -2.26 8.88
C ILE A 219 33.99 -2.41 9.72
N ALA A 220 33.89 -3.13 10.83
CA ALA A 220 35.05 -3.45 11.67
C ALA A 220 35.80 -2.21 12.09
N GLY A 221 35.04 -1.18 12.48
CA GLY A 221 35.59 0.05 13.00
C GLY A 221 36.07 1.08 12.01
N GLU A 222 35.93 0.81 10.72
CA GLU A 222 36.49 1.67 9.69
C GLU A 222 35.49 1.96 8.56
N PRO A 223 35.49 3.19 8.04
CA PRO A 223 36.25 4.33 8.54
C PRO A 223 35.66 4.81 9.89
N ALA A 224 36.54 5.16 10.83
CA ALA A 224 36.13 5.39 12.20
C ALA A 224 35.10 6.52 12.33
N ASP A 225 35.30 7.58 11.58
CA ASP A 225 34.39 8.71 11.64
C ASP A 225 32.95 8.36 11.21
N VAL A 226 32.82 7.63 10.11
CA VAL A 226 31.49 7.17 9.63
C VAL A 226 30.91 6.16 10.58
N TYR A 227 31.74 5.25 11.08
CA TYR A 227 31.30 4.24 12.03
C TYR A 227 30.65 4.90 13.27
N GLU A 228 31.35 5.86 13.84
CA GLU A 228 30.85 6.59 14.99
C GLU A 228 29.61 7.40 14.66
N ALA A 229 29.62 8.10 13.54
CA ALA A 229 28.43 8.87 13.13
C ALA A 229 27.20 8.00 13.00
N LEU A 230 27.35 6.83 12.38
CA LEU A 230 26.23 5.94 12.18
C LEU A 230 25.84 5.19 13.45
N GLN A 231 26.78 4.98 14.37
CA GLN A 231 26.41 4.45 15.68
C GLN A 231 25.50 5.46 16.35
N SER A 232 25.91 6.73 16.32
CA SER A 232 25.12 7.80 16.93
C SER A 232 23.76 7.94 16.28
N ALA A 233 23.73 7.88 14.96
CA ALA A 233 22.48 7.98 14.22
C ALA A 233 21.52 6.86 14.54
N HIS A 234 22.06 5.64 14.66
CA HIS A 234 21.23 4.53 15.06
C HIS A 234 20.74 4.62 16.50
N ALA A 235 21.55 5.19 17.40
CA ALA A 235 21.07 5.42 18.78
C ALA A 235 19.88 6.40 18.79
N ALA A 236 20.00 7.48 18.05
CA ALA A 236 18.92 8.43 17.88
C ALA A 236 17.64 7.76 17.30
N LEU A 237 17.82 6.93 16.28
CA LEU A 237 16.68 6.25 15.66
C LEU A 237 15.94 5.37 16.71
N ALA A 238 16.71 4.65 17.51
CA ALA A 238 16.13 3.77 18.52
C ALA A 238 15.42 4.58 19.62
N ALA A 239 15.84 5.82 19.80
CA ALA A 239 15.20 6.71 20.77
C ALA A 239 14.13 7.63 20.17
N SER A 240 13.86 7.53 18.86
CA SER A 240 12.97 8.48 18.21
C SER A 240 11.52 8.06 18.36
N SER A 241 10.60 9.01 18.23
CA SER A 241 9.18 8.67 18.36
C SER A 241 8.36 8.90 17.10
N TYR A 242 9.00 9.21 15.97
CA TYR A 242 8.27 9.42 14.73
C TYR A 242 7.95 8.07 14.08
N PRO A 243 6.90 8.02 13.22
CA PRO A 243 6.56 6.73 12.60
C PRO A 243 7.63 6.22 11.63
N LYS A 244 7.79 4.90 11.60
CA LYS A 244 8.75 4.27 10.72
C LYS A 244 8.08 3.13 9.99
N LEU A 245 8.47 2.95 8.75
CA LEU A 245 7.98 1.90 7.91
C LEU A 245 9.18 1.19 7.26
N LEU A 246 9.43 -0.06 7.67
CA LEU A 246 10.51 -0.87 7.16
C LEU A 246 9.98 -1.88 6.17
N PHE A 247 10.60 -1.97 5.00
CA PHE A 247 10.27 -2.99 4.02
C PHE A 247 11.39 -4.00 4.02
N THR A 248 11.02 -5.26 3.79
CA THR A 248 12.04 -6.31 3.63
C THR A 248 11.69 -7.19 2.41
N GLY A 249 12.73 -7.63 1.70
CA GLY A 249 12.59 -8.68 0.69
C GLY A 249 13.06 -10.01 1.25
N GLU A 250 12.83 -11.06 0.47
CA GLU A 250 13.24 -12.43 0.75
C GLU A 250 14.13 -12.89 -0.39
N PRO A 251 15.42 -13.13 -0.12
CA PRO A 251 16.13 -13.09 1.16
C PRO A 251 16.70 -11.72 1.53
N GLY A 252 16.51 -10.71 0.69
CA GLY A 252 17.13 -9.42 0.95
C GLY A 252 18.62 -9.50 0.66
N ALA A 253 19.38 -8.53 1.18
CA ALA A 253 20.83 -8.49 0.98
C ALA A 253 21.48 -7.94 2.24
N LEU A 254 21.39 -6.64 2.47
CA LEU A 254 21.92 -6.09 3.70
C LEU A 254 21.00 -6.39 4.87
N VAL A 255 19.72 -6.62 4.61
CA VAL A 255 18.75 -6.87 5.64
C VAL A 255 18.00 -8.18 5.37
N SER A 256 18.26 -9.18 6.18
CA SER A 256 17.53 -10.48 6.07
C SER A 256 16.15 -10.31 6.70
N PRO A 257 15.16 -11.11 6.26
CA PRO A 257 13.81 -10.99 6.82
C PRO A 257 13.78 -11.17 8.36
N GLU A 258 14.59 -12.07 8.87
CA GLU A 258 14.61 -12.30 10.31
C GLU A 258 15.27 -11.12 11.04
N PHE A 259 16.35 -10.59 10.49
CA PHE A 259 16.94 -9.39 11.06
C PHE A 259 15.94 -8.22 11.03
N ALA A 260 15.22 -8.06 9.93
CA ALA A 260 14.25 -6.96 9.81
C ALA A 260 13.22 -7.02 10.93
N GLU A 261 12.79 -8.22 11.27
CA GLU A 261 11.81 -8.39 12.33
C GLU A 261 12.37 -7.96 13.69
N ARG A 262 13.59 -8.37 13.97
CA ARG A 262 14.26 -8.00 15.20
C ARG A 262 14.51 -6.50 15.27
N PHE A 263 14.93 -5.94 14.14
CA PHE A 263 15.25 -4.51 14.09
C PHE A 263 14.02 -3.65 14.30
N ALA A 264 12.94 -3.97 13.58
CA ALA A 264 11.68 -3.27 13.74
C ALA A 264 11.20 -3.31 15.20
N ALA A 265 11.26 -4.49 15.80
CA ALA A 265 10.90 -4.66 17.22
C ALA A 265 11.81 -3.90 18.19
N SER A 266 13.03 -3.58 17.76
CA SER A 266 13.97 -2.76 18.56
C SER A 266 13.69 -1.27 18.55
N LEU A 267 12.78 -0.83 17.68
CA LEU A 267 12.43 0.56 17.57
C LEU A 267 11.04 0.73 18.14
N THR A 268 10.61 1.98 18.31
CA THR A 268 9.20 2.26 18.59
C THR A 268 8.51 2.75 17.30
N ARG A 269 7.23 2.41 17.16
CA ARG A 269 6.43 2.83 16.03
C ARG A 269 6.99 2.44 14.67
N CYS A 270 7.58 1.25 14.58
CA CYS A 270 8.08 0.73 13.32
C CYS A 270 7.24 -0.42 12.81
N ALA A 271 6.62 -0.22 11.65
CA ALA A 271 5.87 -1.30 11.02
C ALA A 271 6.81 -2.00 10.08
N LEU A 272 6.48 -3.24 9.74
CA LEU A 272 7.34 -4.04 8.85
C LEU A 272 6.47 -4.62 7.77
N ILE A 273 6.81 -4.27 6.54
CA ILE A 273 6.10 -4.72 5.36
C ILE A 273 6.94 -5.72 4.59
N ARG A 274 6.35 -6.89 4.35
CA ARG A 274 7.02 -7.98 3.64
C ARG A 274 6.70 -7.95 2.15
N LEU A 275 7.73 -7.77 1.34
CA LEU A 275 7.56 -7.65 -0.10
C LEU A 275 7.67 -8.97 -0.91
N GLY A 276 8.32 -9.97 -0.36
CA GLY A 276 8.44 -11.21 -1.11
C GLY A 276 9.78 -11.22 -1.82
N ALA A 277 9.87 -11.96 -2.92
CA ALA A 277 11.16 -12.23 -3.55
C ALA A 277 11.89 -10.91 -3.88
N GLY A 278 13.04 -10.72 -3.28
CA GLY A 278 13.82 -9.51 -3.50
C GLY A 278 15.21 -9.59 -2.91
N LEU A 279 16.10 -8.76 -3.46
CA LEU A 279 17.47 -8.69 -3.04
C LEU A 279 17.80 -7.27 -2.51
N HIS A 280 18.71 -6.55 -3.14
CA HIS A 280 19.11 -5.26 -2.57
C HIS A 280 18.30 -4.09 -3.11
N TYR A 281 18.09 -4.05 -4.43
CA TYR A 281 17.44 -2.91 -5.10
C TYR A 281 15.95 -3.16 -5.20
N LEU A 282 15.31 -3.17 -4.03
CA LEU A 282 13.93 -3.63 -3.94
C LEU A 282 12.96 -2.84 -4.78
N GLN A 283 13.27 -1.55 -4.97
CA GLN A 283 12.41 -0.68 -5.77
C GLN A 283 12.14 -1.25 -7.13
N GLU A 284 13.12 -1.91 -7.75
CA GLU A 284 12.92 -2.36 -9.13
C GLU A 284 12.03 -3.57 -9.26
N ASP A 285 11.97 -4.37 -8.21
CA ASP A 285 11.10 -5.54 -8.15
C ASP A 285 9.71 -5.29 -7.53
N HIS A 286 9.56 -4.20 -6.79
CA HIS A 286 8.39 -3.98 -5.93
C HIS A 286 7.91 -2.54 -5.92
N ALA A 287 8.08 -1.84 -7.04
CA ALA A 287 7.72 -0.42 -7.10
C ALA A 287 6.26 -0.19 -6.70
N ASP A 288 5.36 -0.99 -7.27
CA ASP A 288 3.92 -0.75 -6.99
C ASP A 288 3.59 -1.00 -5.52
N ALA A 289 4.11 -2.08 -4.93
CA ALA A 289 3.88 -2.39 -3.53
C ALA A 289 4.45 -1.31 -2.61
N ILE A 290 5.67 -0.87 -2.92
CA ILE A 290 6.31 0.20 -2.12
C ILE A 290 5.48 1.51 -2.19
N GLY A 291 5.13 1.89 -3.40
CA GLY A 291 4.43 3.16 -3.66
C GLY A 291 3.08 3.16 -2.97
N ARG A 292 2.34 2.07 -3.12
CA ARG A 292 1.01 1.97 -2.52
C ARG A 292 1.12 1.99 -1.00
N SER A 293 2.11 1.27 -0.47
CA SER A 293 2.33 1.22 0.98
C SER A 293 2.66 2.59 1.52
N VAL A 294 3.63 3.27 0.92
CA VAL A 294 4.05 4.58 1.38
C VAL A 294 2.89 5.59 1.32
N ALA A 295 2.15 5.58 0.22
CA ALA A 295 1.03 6.50 0.06
C ALA A 295 -0.03 6.30 1.16
N GLY A 296 -0.43 5.06 1.42
CA GLY A 296 -1.37 4.75 2.49
C GLY A 296 -0.90 5.24 3.84
N TRP A 297 0.36 4.96 4.13
CA TRP A 297 0.97 5.29 5.40
C TRP A 297 1.00 6.80 5.60
N ILE A 298 1.41 7.57 4.61
CA ILE A 298 1.36 9.05 4.71
C ILE A 298 -0.07 9.55 4.91
N ALA A 299 -0.99 9.02 4.13
CA ALA A 299 -2.42 9.36 4.28
C ALA A 299 -2.93 9.12 5.68
N GLY A 300 -2.55 8.00 6.28
CA GLY A 300 -2.94 7.64 7.62
C GLY A 300 -2.34 8.57 8.68
N ILE A 301 -1.04 8.80 8.59
CA ILE A 301 -0.36 9.71 9.49
C ILE A 301 -0.97 11.11 9.42
N GLU A 302 -1.19 11.61 8.21
CA GLU A 302 -1.65 13.00 8.04
C GLU A 302 -3.08 13.12 8.54
N ALA A 303 -3.84 12.04 8.48
CA ALA A 303 -5.21 12.07 8.96
C ALA A 303 -5.29 12.30 10.48
N VAL A 304 -4.32 11.79 11.23
CA VAL A 304 -4.41 11.84 12.69
C VAL A 304 -3.30 12.65 13.35
N ARG A 305 -2.33 13.18 12.62
CA ARG A 305 -1.22 13.82 13.35
C ARG A 305 -1.63 15.21 13.86
N GLU B 6 -1.41 -19.21 8.38
CA GLU B 6 -1.81 -17.86 7.92
C GLU B 6 -3.33 -17.68 8.15
N ILE B 7 -4.17 -18.28 7.28
CA ILE B 7 -5.61 -17.94 7.24
C ILE B 7 -6.51 -19.14 7.57
N GLU B 8 -7.21 -19.04 8.69
CA GLU B 8 -8.17 -20.07 9.10
C GLU B 8 -9.60 -19.65 8.78
N ILE B 9 -10.40 -20.63 8.38
CA ILE B 9 -11.81 -20.42 8.20
C ILE B 9 -12.55 -21.04 9.37
N ARG B 10 -13.36 -20.23 10.04
CA ARG B 10 -14.00 -20.63 11.26
C ARG B 10 -15.50 -20.38 11.18
N ARG B 11 -16.23 -20.76 12.24
CA ARG B 11 -17.68 -20.56 12.27
C ARG B 11 -18.12 -20.05 13.65
N ALA B 12 -19.03 -19.09 13.64
CA ALA B 12 -19.52 -18.52 14.87
C ALA B 12 -21.03 -18.73 14.92
N PRO B 13 -21.55 -19.09 16.10
CA PRO B 13 -22.98 -19.16 16.27
C PRO B 13 -23.57 -17.76 16.30
N VAL B 14 -24.60 -17.54 15.50
CA VAL B 14 -25.22 -16.24 15.39
C VAL B 14 -26.74 -16.33 15.26
N LEU B 15 -27.45 -15.81 16.26
CA LEU B 15 -28.92 -15.69 16.25
C LEU B 15 -29.63 -17.01 15.91
N GLY B 16 -29.11 -18.10 16.41
CA GLY B 16 -29.68 -19.44 16.15
C GLY B 16 -29.12 -20.12 14.92
N SER B 17 -28.38 -19.37 14.09
CA SER B 17 -27.77 -19.92 12.89
C SER B 17 -26.25 -19.78 13.07
N SER B 18 -25.53 -19.59 11.97
CA SER B 18 -24.08 -19.45 12.06
C SER B 18 -23.52 -18.62 10.93
N MET B 19 -22.41 -17.95 11.22
CA MET B 19 -21.70 -17.25 10.17
C MET B 19 -20.30 -17.77 10.09
N ALA B 20 -19.86 -18.09 8.89
CA ALA B 20 -18.44 -18.41 8.66
C ALA B 20 -17.63 -17.15 8.55
N TYR B 21 -16.34 -17.25 8.83
CA TYR B 21 -15.44 -16.14 8.68
C TYR B 21 -14.00 -16.61 8.52
N ARG B 22 -13.22 -15.83 7.79
CA ARG B 22 -11.77 -16.04 7.69
C ARG B 22 -11.07 -15.13 8.68
N GLU B 23 -10.01 -15.62 9.28
CA GLU B 23 -9.31 -14.90 10.36
C GLU B 23 -7.83 -15.14 10.17
N THR B 24 -7.05 -14.07 10.26
CA THR B 24 -5.60 -14.12 10.16
C THR B 24 -5.02 -12.87 10.83
N GLY B 25 -3.80 -12.97 11.35
CA GLY B 25 -3.14 -11.82 12.01
C GLY B 25 -2.98 -12.03 13.52
N ALA B 26 -2.15 -11.19 14.14
CA ALA B 26 -1.86 -11.27 15.56
C ALA B 26 -3.05 -10.79 16.37
N GLN B 27 -3.37 -11.55 17.43
CA GLN B 27 -4.55 -11.27 18.24
C GLN B 27 -4.35 -10.04 19.14
N ASP B 28 -3.14 -9.51 19.17
CA ASP B 28 -2.89 -8.25 19.87
C ASP B 28 -2.85 -7.00 18.96
N ALA B 29 -3.19 -7.16 17.69
CA ALA B 29 -3.15 -6.05 16.72
C ALA B 29 -4.56 -5.47 16.58
N PRO B 30 -4.70 -4.25 16.00
CA PRO B 30 -6.06 -3.78 15.80
C PRO B 30 -6.86 -4.69 14.91
N VAL B 31 -8.16 -4.79 15.14
CA VAL B 31 -9.04 -5.57 14.31
C VAL B 31 -9.41 -4.81 13.02
N VAL B 32 -9.48 -5.56 11.93
CA VAL B 32 -9.98 -5.06 10.67
C VAL B 32 -11.07 -6.02 10.23
N LEU B 33 -12.27 -5.48 10.02
CA LEU B 33 -13.42 -6.26 9.57
C LEU B 33 -13.61 -6.01 8.10
N PHE B 34 -13.62 -7.10 7.30
CA PHE B 34 -13.73 -6.99 5.86
C PHE B 34 -15.14 -7.41 5.48
N LEU B 35 -15.85 -6.55 4.76
CA LEU B 35 -17.27 -6.74 4.51
C LEU B 35 -17.57 -6.78 3.01
N HIS B 36 -17.96 -7.96 2.53
CA HIS B 36 -18.28 -8.18 1.11
C HIS B 36 -19.73 -7.78 0.85
N GLY B 37 -20.11 -7.79 -0.42
CA GLY B 37 -21.48 -7.53 -0.83
C GLY B 37 -22.03 -8.64 -1.71
N ASN B 38 -22.85 -8.26 -2.68
CA ASN B 38 -23.59 -9.21 -3.54
C ASN B 38 -22.86 -9.42 -4.84
N PRO B 39 -22.77 -10.66 -5.33
CA PRO B 39 -23.12 -11.97 -4.79
C PRO B 39 -21.87 -12.71 -4.31
N THR B 40 -21.07 -12.04 -3.49
CA THR B 40 -19.75 -12.54 -3.16
C THR B 40 -19.74 -13.17 -1.75
N SER B 41 -18.55 -13.32 -1.20
CA SER B 41 -18.36 -13.82 0.17
C SER B 41 -16.98 -13.34 0.58
N SER B 42 -16.49 -13.85 1.71
CA SER B 42 -15.11 -13.57 2.17
C SER B 42 -14.06 -14.08 1.18
N HIS B 43 -14.47 -14.95 0.26
CA HIS B 43 -13.62 -15.36 -0.88
C HIS B 43 -13.02 -14.16 -1.61
N ILE B 44 -13.79 -13.07 -1.75
CA ILE B 44 -13.30 -11.92 -2.52
C ILE B 44 -12.09 -11.19 -1.86
N TRP B 45 -11.88 -11.43 -0.59
CA TRP B 45 -10.78 -10.80 0.16
C TRP B 45 -9.54 -11.69 0.24
N ARG B 46 -9.60 -12.86 -0.39
CA ARG B 46 -8.56 -13.90 -0.19
C ARG B 46 -7.13 -13.43 -0.54
N ASN B 47 -6.96 -12.59 -1.54
CA ASN B 47 -5.64 -12.10 -1.92
C ASN B 47 -5.26 -10.74 -1.27
N ILE B 48 -6.20 -10.20 -0.49
CA ILE B 48 -5.99 -8.93 0.25
C ILE B 48 -5.60 -9.24 1.69
N LEU B 49 -6.25 -10.23 2.30
CA LEU B 49 -5.97 -10.61 3.69
C LEU B 49 -4.48 -10.83 4.02
N PRO B 50 -3.76 -11.57 3.16
CA PRO B 50 -2.34 -11.81 3.46
C PRO B 50 -1.49 -10.55 3.50
N LEU B 51 -1.94 -9.49 2.84
CA LEU B 51 -1.20 -8.24 2.81
C LEU B 51 -1.49 -7.33 4.00
N VAL B 52 -2.62 -7.54 4.69
CA VAL B 52 -2.98 -6.75 5.85
C VAL B 52 -2.64 -7.52 7.14
N SER B 53 -2.63 -8.84 7.09
CA SER B 53 -2.44 -9.63 8.33
C SER B 53 -1.13 -9.33 9.10
N PRO B 54 -0.06 -8.87 8.41
CA PRO B 54 1.15 -8.48 9.16
C PRO B 54 0.97 -7.33 10.10
N VAL B 55 -0.04 -6.48 9.89
CA VAL B 55 -0.27 -5.29 10.73
C VAL B 55 -1.58 -5.30 11.51
N ALA B 56 -2.42 -6.32 11.32
CA ALA B 56 -3.76 -6.27 11.92
C ALA B 56 -4.36 -7.64 12.08
N HIS B 57 -5.29 -7.76 13.03
CA HIS B 57 -6.09 -8.97 13.23
C HIS B 57 -7.29 -8.91 12.28
N CYS B 58 -7.19 -9.68 11.20
CA CYS B 58 -8.15 -9.57 10.12
C CYS B 58 -9.28 -10.57 10.32
N ILE B 59 -10.52 -10.08 10.19
CA ILE B 59 -11.70 -10.89 10.31
C ILE B 59 -12.62 -10.59 9.13
N ALA B 60 -12.92 -11.61 8.33
CA ALA B 60 -13.73 -11.43 7.11
C ALA B 60 -14.92 -12.39 7.11
N PRO B 61 -16.07 -11.94 7.65
CA PRO B 61 -17.24 -12.81 7.69
C PRO B 61 -17.93 -12.98 6.36
N ASP B 62 -18.58 -14.13 6.21
CA ASP B 62 -19.58 -14.35 5.15
C ASP B 62 -20.93 -13.89 5.69
N LEU B 63 -21.56 -12.97 4.99
CA LEU B 63 -22.88 -12.49 5.37
C LEU B 63 -23.83 -13.66 5.48
N ILE B 64 -24.82 -13.54 6.36
CA ILE B 64 -25.81 -14.59 6.49
C ILE B 64 -26.43 -14.90 5.12
N GLY B 65 -26.49 -16.20 4.80
CA GLY B 65 -27.01 -16.65 3.51
C GLY B 65 -26.01 -16.64 2.36
N PHE B 66 -24.79 -16.17 2.64
CA PHE B 66 -23.67 -16.14 1.67
C PHE B 66 -22.48 -17.02 2.07
N GLY B 67 -21.63 -17.30 1.09
CA GLY B 67 -20.45 -18.11 1.32
C GLY B 67 -20.76 -19.41 2.06
N GLN B 68 -20.03 -19.64 3.14
CA GLN B 68 -20.25 -20.81 3.98
C GLN B 68 -21.08 -20.55 5.25
N SER B 69 -21.78 -19.42 5.29
CA SER B 69 -22.63 -19.09 6.43
C SER B 69 -23.93 -19.89 6.37
N GLY B 70 -24.62 -19.94 7.50
CA GLY B 70 -25.92 -20.59 7.55
C GLY B 70 -26.93 -19.95 6.64
N LYS B 71 -28.00 -20.72 6.34
CA LYS B 71 -29.05 -20.24 5.43
C LYS B 71 -30.41 -20.29 6.14
N PRO B 72 -30.59 -19.44 7.16
CA PRO B 72 -31.87 -19.49 7.86
C PRO B 72 -33.05 -19.01 7.01
N ASP B 73 -34.26 -19.35 7.44
CA ASP B 73 -35.46 -18.92 6.71
C ASP B 73 -35.85 -17.53 7.15
N ILE B 74 -35.28 -16.54 6.46
CA ILE B 74 -35.48 -15.12 6.76
C ILE B 74 -35.63 -14.40 5.41
N ALA B 75 -35.95 -13.12 5.42
CA ALA B 75 -36.23 -12.38 4.19
C ALA B 75 -34.95 -11.91 3.49
N TYR B 76 -33.84 -11.91 4.23
CA TYR B 76 -32.56 -11.39 3.74
C TYR B 76 -32.63 -9.95 3.26
N ARG B 77 -33.45 -9.14 3.95
CA ARG B 77 -33.45 -7.72 3.74
C ARG B 77 -32.17 -7.09 4.36
N PHE B 78 -31.94 -5.83 4.04
CA PHE B 78 -30.76 -5.14 4.55
C PHE B 78 -30.74 -5.16 6.04
N PHE B 79 -31.89 -4.89 6.66
CA PHE B 79 -31.95 -4.90 8.16
C PHE B 79 -31.73 -6.27 8.78
N ASP B 80 -32.04 -7.34 8.05
CA ASP B 80 -31.65 -8.67 8.48
C ASP B 80 -30.12 -8.79 8.53
N HIS B 81 -29.45 -8.35 7.48
CA HIS B 81 -27.98 -8.35 7.49
C HIS B 81 -27.39 -7.50 8.61
N VAL B 82 -28.02 -6.35 8.88
CA VAL B 82 -27.58 -5.48 9.97
C VAL B 82 -27.59 -6.28 11.28
N ARG B 83 -28.71 -6.95 11.56
CA ARG B 83 -28.85 -7.74 12.80
C ARG B 83 -27.84 -8.87 12.93
N TYR B 84 -27.69 -9.67 11.89
CA TYR B 84 -26.71 -10.76 11.90
C TYR B 84 -25.24 -10.28 12.02
N LEU B 85 -24.90 -9.21 11.33
CA LEU B 85 -23.51 -8.69 11.43
C LEU B 85 -23.24 -8.13 12.84
N ASP B 86 -24.20 -7.39 13.40
CA ASP B 86 -24.12 -6.87 14.77
C ASP B 86 -23.91 -8.03 15.75
N ALA B 87 -24.72 -9.08 15.59
CA ALA B 87 -24.63 -10.25 16.42
C ALA B 87 -23.30 -10.96 16.29
N PHE B 88 -22.74 -11.01 15.06
CA PHE B 88 -21.42 -11.61 14.84
C PHE B 88 -20.32 -10.84 15.56
N ILE B 89 -20.36 -9.52 15.42
CA ILE B 89 -19.39 -8.65 16.06
C ILE B 89 -19.40 -8.87 17.58
N GLU B 90 -20.59 -8.92 18.15
CA GLU B 90 -20.75 -9.18 19.58
C GLU B 90 -20.21 -10.57 19.96
N GLN B 91 -20.54 -11.59 19.17
CA GLN B 91 -20.09 -12.94 19.46
C GLN B 91 -18.56 -13.10 19.44
N ARG B 92 -17.86 -12.42 18.51
CA ARG B 92 -16.39 -12.45 18.44
C ARG B 92 -15.75 -11.51 19.48
N GLY B 93 -16.57 -10.73 20.14
CA GLY B 93 -16.12 -9.84 21.22
C GLY B 93 -15.26 -8.67 20.76
N VAL B 94 -15.50 -8.21 19.53
CA VAL B 94 -14.77 -7.10 18.93
C VAL B 94 -15.36 -5.78 19.46
N THR B 95 -14.51 -4.93 20.03
CA THR B 95 -14.96 -3.67 20.64
C THR B 95 -14.62 -2.45 19.80
N SER B 96 -13.65 -2.58 18.90
CA SER B 96 -13.42 -1.58 17.88
C SER B 96 -12.68 -2.19 16.69
N ALA B 97 -12.85 -1.60 15.53
CA ALA B 97 -12.24 -2.15 14.31
C ALA B 97 -12.14 -1.11 13.21
N TYR B 98 -11.13 -1.28 12.36
CA TYR B 98 -11.17 -0.72 11.01
C TYR B 98 -12.22 -1.49 10.21
N LEU B 99 -12.89 -0.79 9.30
CA LEU B 99 -13.80 -1.43 8.35
C LEU B 99 -13.26 -1.29 6.95
N VAL B 100 -13.24 -2.41 6.22
CA VAL B 100 -12.85 -2.43 4.81
C VAL B 100 -14.03 -3.03 4.05
N ALA B 101 -14.59 -2.28 3.10
CA ALA B 101 -15.90 -2.64 2.52
C ALA B 101 -16.08 -2.32 1.04
N GLN B 102 -16.90 -3.13 0.38
CA GLN B 102 -17.32 -2.86 -1.01
C GLN B 102 -18.81 -3.23 -1.18
N ASP B 103 -19.52 -2.57 -2.09
CA ASP B 103 -20.92 -2.95 -2.45
C ASP B 103 -21.87 -2.86 -1.20
N TRP B 104 -22.75 -3.83 -0.98
CA TRP B 104 -23.56 -3.83 0.23
C TRP B 104 -22.74 -3.86 1.54
N GLY B 105 -21.48 -4.29 1.46
CA GLY B 105 -20.57 -4.16 2.64
C GLY B 105 -20.43 -2.71 3.10
N THR B 106 -20.46 -1.78 2.15
CA THR B 106 -20.33 -0.36 2.48
C THR B 106 -21.60 0.15 3.14
N ALA B 107 -22.75 -0.32 2.68
CA ALA B 107 -24.02 0.07 3.34
C ALA B 107 -24.02 -0.37 4.77
N LEU B 108 -23.61 -1.63 5.01
CA LEU B 108 -23.50 -2.13 6.36
C LEU B 108 -22.50 -1.33 7.20
N ALA B 109 -21.36 -1.01 6.60
CA ALA B 109 -20.32 -0.26 7.32
C ALA B 109 -20.81 1.15 7.67
N PHE B 110 -21.47 1.81 6.71
CA PHE B 110 -21.93 3.19 6.91
C PHE B 110 -22.99 3.21 8.00
N HIS B 111 -23.85 2.21 7.98
CA HIS B 111 -24.96 2.10 8.99
C HIS B 111 -24.41 1.78 10.39
N LEU B 112 -23.43 0.88 10.46
CA LEU B 112 -22.73 0.58 11.69
C LEU B 112 -22.06 1.85 12.25
N ALA B 113 -21.31 2.57 11.39
CA ALA B 113 -20.58 3.75 11.81
C ALA B 113 -21.53 4.85 12.26
N ALA B 114 -22.71 4.92 11.66
CA ALA B 114 -23.67 5.94 12.06
C ALA B 114 -24.24 5.64 13.42
N ARG B 115 -24.38 4.37 13.77
CA ARG B 115 -24.92 4.00 15.06
C ARG B 115 -23.87 3.94 16.16
N ARG B 116 -22.67 3.49 15.80
CA ARG B 116 -21.59 3.25 16.77
C ARG B 116 -20.29 3.87 16.25
N PRO B 117 -20.24 5.20 16.13
CA PRO B 117 -18.99 5.83 15.62
C PRO B 117 -17.76 5.58 16.49
N ASP B 118 -17.98 5.32 17.78
CA ASP B 118 -16.89 5.01 18.70
C ASP B 118 -16.19 3.69 18.39
N PHE B 119 -16.87 2.84 17.62
CA PHE B 119 -16.35 1.54 17.25
C PHE B 119 -15.41 1.65 16.04
N VAL B 120 -15.54 2.70 15.25
CA VAL B 120 -14.84 2.76 13.94
C VAL B 120 -13.47 3.38 14.05
N ARG B 121 -12.43 2.56 13.87
CA ARG B 121 -11.05 3.04 13.88
C ARG B 121 -10.70 3.77 12.60
N GLY B 122 -11.36 3.35 11.52
CA GLY B 122 -11.15 3.94 10.20
C GLY B 122 -12.04 3.19 9.22
N LEU B 123 -12.30 3.80 8.08
CA LEU B 123 -13.09 3.15 7.03
C LEU B 123 -12.39 3.20 5.69
N ALA B 124 -12.09 2.03 5.13
CA ALA B 124 -11.58 1.94 3.76
C ALA B 124 -12.68 1.36 2.92
N PHE B 125 -13.02 2.05 1.84
CA PHE B 125 -14.22 1.68 1.11
C PHE B 125 -14.06 1.97 -0.41
N MET B 126 -14.97 1.38 -1.16
CA MET B 126 -14.93 1.45 -2.62
C MET B 126 -16.24 0.97 -3.18
N GLU B 127 -16.58 1.48 -4.37
CA GLU B 127 -17.79 1.01 -5.11
C GLU B 127 -18.99 0.88 -4.17
N PHE B 128 -19.30 1.99 -3.51
CA PHE B 128 -20.22 2.00 -2.36
C PHE B 128 -21.62 2.37 -2.78
N ILE B 129 -22.56 2.05 -1.89
CA ILE B 129 -23.96 2.36 -2.11
C ILE B 129 -24.32 3.70 -1.48
N ARG B 130 -25.09 4.50 -2.21
CA ARG B 130 -25.62 5.74 -1.68
C ARG B 130 -27.08 5.88 -2.12
N PRO B 131 -27.88 6.69 -1.40
CA PRO B 131 -29.25 6.95 -1.86
C PRO B 131 -29.23 7.54 -3.25
N MET B 132 -30.08 7.03 -4.11
CA MET B 132 -30.10 7.39 -5.52
C MET B 132 -31.51 7.90 -5.80
N PRO B 133 -31.68 9.23 -5.81
CA PRO B 133 -33.01 9.81 -6.00
C PRO B 133 -33.70 9.37 -7.30
N THR B 134 -32.93 9.17 -8.37
CA THR B 134 -33.45 8.64 -9.63
C THR B 134 -32.60 7.51 -10.18
N TRP B 135 -33.16 6.77 -11.15
CA TRP B 135 -32.39 5.74 -11.88
C TRP B 135 -31.13 6.28 -12.53
N GLN B 136 -31.12 7.57 -12.88
CA GLN B 136 -29.92 8.16 -13.48
C GLN B 136 -28.74 8.27 -12.49
N ASP B 137 -29.04 8.19 -11.21
CA ASP B 137 -27.99 8.18 -10.18
C ASP B 137 -27.38 6.79 -9.95
N PHE B 138 -28.00 5.77 -10.54
CA PHE B 138 -27.52 4.40 -10.50
C PHE B 138 -26.61 4.21 -11.69
N HIS B 139 -25.36 3.85 -11.42
CA HIS B 139 -24.32 3.75 -12.45
C HIS B 139 -24.16 5.11 -13.15
N HIS B 140 -24.22 6.18 -12.37
CA HIS B 140 -24.08 7.52 -12.92
C HIS B 140 -22.73 7.71 -13.59
N THR B 141 -22.77 8.19 -14.83
CA THR B 141 -21.58 8.58 -15.57
C THR B 141 -21.85 9.89 -16.35
N GLU B 142 -20.96 10.86 -16.11
CA GLU B 142 -20.78 12.06 -16.93
C GLU B 142 -20.26 11.80 -18.37
N VAL B 143 -19.73 10.60 -18.62
CA VAL B 143 -19.01 10.26 -19.88
C VAL B 143 -19.88 9.71 -21.03
N ALA B 144 -19.96 10.46 -22.14
CA ALA B 144 -20.77 10.08 -23.31
C ALA B 144 -20.63 8.62 -23.78
N GLU B 145 -19.39 8.12 -23.74
CA GLU B 145 -19.06 6.78 -24.23
C GLU B 145 -19.36 5.67 -23.21
N GLU B 146 -19.73 6.06 -21.99
CA GLU B 146 -20.19 5.13 -20.96
C GLU B 146 -21.71 5.07 -20.87
N GLN B 147 -22.40 5.99 -21.55
CA GLN B 147 -23.85 6.15 -21.35
C GLN B 147 -24.70 4.92 -21.70
N ASP B 148 -24.35 4.21 -22.76
CA ASP B 148 -25.15 3.05 -23.17
C ASP B 148 -24.97 1.90 -22.18
N HIS B 149 -23.75 1.71 -21.72
CA HIS B 149 -23.48 0.66 -20.76
C HIS B 149 -24.17 0.96 -19.43
N ALA B 150 -24.10 2.21 -19.00
CA ALA B 150 -24.85 2.66 -17.84
C ALA B 150 -26.35 2.43 -18.01
N GLU B 151 -26.88 2.72 -19.19
CA GLU B 151 -28.31 2.48 -19.40
C GLU B 151 -28.65 0.99 -19.34
N ALA B 152 -27.80 0.17 -19.93
CA ALA B 152 -27.98 -1.29 -19.89
C ALA B 152 -28.02 -1.80 -18.44
N ALA B 153 -27.12 -1.28 -17.61
CA ALA B 153 -27.07 -1.66 -16.21
C ALA B 153 -28.36 -1.26 -15.49
N ARG B 154 -28.89 -0.06 -15.77
CA ARG B 154 -30.15 0.35 -15.14
C ARG B 154 -31.28 -0.58 -15.57
N ALA B 155 -31.29 -0.97 -16.84
CA ALA B 155 -32.35 -1.83 -17.37
C ALA B 155 -32.31 -3.19 -16.68
N VAL B 156 -31.11 -3.71 -16.49
CA VAL B 156 -30.94 -5.03 -15.83
C VAL B 156 -31.43 -4.98 -14.39
N PHE B 157 -31.02 -3.95 -13.66
CA PHE B 157 -31.39 -3.85 -12.27
C PHE B 157 -32.88 -3.49 -12.09
N ARG B 158 -33.44 -2.73 -13.02
CA ARG B 158 -34.90 -2.48 -13.01
C ARG B 158 -35.65 -3.81 -13.10
N LYS B 159 -35.16 -4.68 -14.00
CA LYS B 159 -35.72 -6.04 -14.14
C LYS B 159 -35.55 -6.89 -12.90
N PHE B 160 -34.35 -6.88 -12.31
CA PHE B 160 -34.17 -7.57 -11.03
C PHE B 160 -35.21 -7.15 -10.01
N ARG B 161 -35.57 -5.87 -9.97
CA ARG B 161 -36.49 -5.33 -8.97
C ARG B 161 -37.98 -5.54 -9.31
N THR B 162 -38.24 -6.08 -10.49
CA THR B 162 -39.61 -6.26 -10.96
C THR B 162 -40.14 -7.59 -10.52
N PRO B 163 -41.33 -7.63 -9.88
CA PRO B 163 -41.85 -8.92 -9.51
C PRO B 163 -41.93 -9.89 -10.68
N GLY B 164 -41.51 -11.13 -10.43
CA GLY B 164 -41.48 -12.19 -11.42
C GLY B 164 -40.24 -12.23 -12.28
N GLU B 165 -39.86 -11.07 -12.79
CA GLU B 165 -38.72 -10.97 -13.68
C GLU B 165 -37.43 -11.30 -12.90
N GLY B 166 -37.28 -10.72 -11.72
CA GLY B 166 -36.04 -10.90 -10.98
C GLY B 166 -35.87 -12.34 -10.59
N GLU B 167 -36.97 -12.98 -10.22
CA GLU B 167 -36.94 -14.41 -9.89
C GLU B 167 -36.39 -15.25 -11.02
N ALA B 168 -36.85 -15.01 -12.24
CA ALA B 168 -36.41 -15.77 -13.41
C ALA B 168 -34.94 -15.55 -13.67
N MET B 169 -34.51 -14.31 -13.51
CA MET B 169 -33.13 -13.94 -13.84
C MET B 169 -32.15 -14.42 -12.78
N ILE B 170 -32.49 -14.20 -11.53
CA ILE B 170 -31.53 -14.45 -10.46
C ILE B 170 -31.64 -15.83 -9.86
N LEU B 171 -32.87 -16.27 -9.60
CA LEU B 171 -33.05 -17.59 -9.01
C LEU B 171 -32.90 -18.68 -10.05
N GLU B 172 -33.61 -18.55 -11.18
CA GLU B 172 -33.61 -19.63 -12.17
C GLU B 172 -32.34 -19.57 -13.02
N ALA B 173 -32.02 -18.41 -13.60
CA ALA B 173 -30.84 -18.31 -14.49
C ALA B 173 -29.50 -18.02 -13.80
N ASN B 174 -29.55 -17.72 -12.51
CA ASN B 174 -28.35 -17.39 -11.72
C ASN B 174 -27.54 -16.24 -12.34
N ALA B 175 -28.25 -15.27 -12.90
CA ALA B 175 -27.60 -14.21 -13.67
C ALA B 175 -26.65 -13.31 -12.84
N PHE B 176 -26.92 -13.17 -11.53
CA PHE B 176 -26.05 -12.28 -10.73
C PHE B 176 -24.65 -12.88 -10.63
N VAL B 177 -24.59 -14.19 -10.37
CA VAL B 177 -23.32 -14.91 -10.22
C VAL B 177 -22.64 -15.13 -11.59
N GLU B 178 -23.44 -15.49 -12.60
CA GLU B 178 -22.87 -15.90 -13.89
C GLU B 178 -22.60 -14.75 -14.84
N ARG B 179 -23.29 -13.63 -14.65
CA ARG B 179 -23.14 -12.50 -15.57
C ARG B 179 -22.73 -11.19 -14.91
N VAL B 180 -23.45 -10.80 -13.87
CA VAL B 180 -23.17 -9.51 -13.23
C VAL B 180 -21.79 -9.52 -12.59
N LEU B 181 -21.46 -10.60 -11.90
CA LEU B 181 -20.14 -10.69 -11.24
C LEU B 181 -18.95 -10.62 -12.24
N PRO B 182 -18.86 -11.59 -13.17
CA PRO B 182 -17.73 -11.46 -14.11
C PRO B 182 -17.79 -10.18 -14.91
N GLY B 183 -19.00 -9.67 -15.15
CA GLY B 183 -19.22 -8.39 -15.80
C GLY B 183 -18.55 -7.20 -15.14
N GLY B 184 -18.35 -7.30 -13.83
CA GLY B 184 -17.72 -6.24 -13.08
C GLY B 184 -16.28 -6.49 -12.71
N ILE B 185 -15.64 -7.44 -13.38
CA ILE B 185 -14.21 -7.74 -13.21
C ILE B 185 -13.53 -7.57 -14.60
N VAL B 186 -12.47 -6.78 -14.67
CA VAL B 186 -11.76 -6.54 -15.95
C VAL B 186 -11.06 -7.81 -16.44
N ARG B 187 -10.26 -8.44 -15.58
CA ARG B 187 -9.61 -9.69 -15.95
C ARG B 187 -10.62 -10.85 -15.98
N LYS B 188 -10.21 -11.95 -16.60
CA LYS B 188 -11.00 -13.18 -16.59
C LYS B 188 -10.52 -14.05 -15.44
N LEU B 189 -11.44 -14.41 -14.55
CA LEU B 189 -11.09 -15.25 -13.44
C LEU B 189 -10.72 -16.66 -13.89
N GLY B 190 -9.76 -17.26 -13.22
CA GLY B 190 -9.52 -18.68 -13.41
C GLY B 190 -10.69 -19.50 -12.94
N ASP B 191 -10.84 -20.69 -13.50
CA ASP B 191 -11.88 -21.62 -13.05
C ASP B 191 -11.89 -21.85 -11.54
N GLU B 192 -10.70 -22.03 -10.98
CA GLU B 192 -10.52 -22.27 -9.55
C GLU B 192 -10.86 -21.04 -8.69
N GLU B 193 -10.76 -19.87 -9.29
CA GLU B 193 -11.16 -18.61 -8.65
C GLU B 193 -12.67 -18.36 -8.76
N MET B 194 -13.27 -18.78 -9.86
CA MET B 194 -14.71 -18.63 -10.04
C MET B 194 -15.56 -19.64 -9.26
N ALA B 195 -15.05 -20.84 -9.08
CA ALA B 195 -15.85 -21.92 -8.51
C ALA B 195 -16.40 -21.64 -7.09
N PRO B 196 -15.58 -21.08 -6.18
CA PRO B 196 -16.11 -20.70 -4.85
C PRO B 196 -17.14 -19.59 -4.82
N TYR B 197 -17.34 -18.87 -5.92
CA TYR B 197 -18.46 -17.94 -6.03
C TYR B 197 -19.80 -18.67 -6.34
N ARG B 198 -19.70 -19.83 -7.01
CA ARG B 198 -20.86 -20.65 -7.36
C ARG B 198 -21.33 -21.59 -6.25
N THR B 199 -20.39 -22.15 -5.48
CA THR B 199 -20.74 -23.22 -4.54
C THR B 199 -21.72 -22.83 -3.42
N PRO B 200 -21.75 -21.56 -2.98
CA PRO B 200 -22.81 -21.19 -2.02
C PRO B 200 -24.24 -21.29 -2.53
N PHE B 201 -24.39 -21.37 -3.86
CA PHE B 201 -25.67 -21.16 -4.51
C PHE B 201 -26.04 -22.25 -5.49
N PRO B 202 -26.13 -23.51 -5.02
CA PRO B 202 -26.43 -24.63 -5.92
C PRO B 202 -27.87 -24.71 -6.43
N THR B 203 -28.83 -24.04 -5.79
CA THR B 203 -30.23 -24.15 -6.18
C THR B 203 -30.85 -22.78 -6.36
N PRO B 204 -31.94 -22.69 -7.14
CA PRO B 204 -32.71 -21.46 -7.20
C PRO B 204 -33.03 -20.87 -5.84
N GLU B 205 -33.54 -21.68 -4.94
CA GLU B 205 -33.98 -21.19 -3.64
C GLU B 205 -32.80 -20.68 -2.81
N SER B 206 -31.65 -21.30 -2.97
CA SER B 206 -30.45 -20.85 -2.27
C SER B 206 -30.04 -19.42 -2.69
N ARG B 207 -30.51 -18.98 -3.86
CA ARG B 207 -30.17 -17.65 -4.39
C ARG B 207 -31.08 -16.54 -3.86
N ARG B 208 -32.00 -16.86 -2.95
CA ARG B 208 -32.93 -15.83 -2.44
C ARG B 208 -32.23 -14.56 -1.88
N PRO B 209 -31.10 -14.74 -1.14
CA PRO B 209 -30.41 -13.53 -0.63
C PRO B 209 -29.83 -12.67 -1.75
N VAL B 210 -29.47 -13.31 -2.88
CA VAL B 210 -28.95 -12.60 -4.05
C VAL B 210 -30.01 -11.78 -4.79
N LEU B 211 -31.23 -12.29 -4.84
CA LEU B 211 -32.38 -11.57 -5.39
C LEU B 211 -32.86 -10.47 -4.40
N ALA B 212 -32.73 -10.73 -3.11
CA ALA B 212 -33.20 -9.78 -2.08
C ALA B 212 -32.44 -8.46 -2.17
N PHE B 213 -31.13 -8.54 -2.37
CA PHE B 213 -30.29 -7.33 -2.36
C PHE B 213 -30.63 -6.25 -3.39
N PRO B 214 -30.72 -6.59 -4.70
CA PRO B 214 -31.07 -5.51 -5.64
C PRO B 214 -32.39 -4.80 -5.33
N ARG B 215 -33.32 -5.55 -4.77
CA ARG B 215 -34.61 -5.04 -4.32
C ARG B 215 -34.53 -4.18 -3.07
N GLU B 216 -33.37 -4.18 -2.39
CA GLU B 216 -33.10 -3.30 -1.25
C GLU B 216 -32.39 -2.01 -1.65
N LEU B 217 -31.85 -1.94 -2.87
CA LEU B 217 -31.06 -0.75 -3.25
C LEU B 217 -31.90 0.49 -3.11
N PRO B 218 -31.34 1.56 -2.51
CA PRO B 218 -32.12 2.80 -2.27
C PRO B 218 -32.25 3.65 -3.52
N ILE B 219 -33.31 3.40 -4.30
CA ILE B 219 -33.47 4.05 -5.58
C ILE B 219 -34.88 4.63 -5.65
N ALA B 220 -34.94 5.93 -5.89
CA ALA B 220 -36.22 6.67 -5.98
C ALA B 220 -37.13 6.44 -4.77
N GLY B 221 -36.55 6.35 -3.58
CA GLY B 221 -37.30 6.25 -2.34
C GLY B 221 -37.79 4.88 -1.95
N GLU B 222 -37.42 3.86 -2.73
CA GLU B 222 -37.89 2.51 -2.47
C GLU B 222 -36.69 1.52 -2.38
N PRO B 223 -36.69 0.67 -1.35
CA PRO B 223 -37.62 0.68 -0.21
C PRO B 223 -37.39 1.84 0.73
N ALA B 224 -38.48 2.34 1.33
CA ALA B 224 -38.43 3.57 2.08
C ALA B 224 -37.55 3.50 3.31
N ASP B 225 -37.64 2.38 4.02
CA ASP B 225 -36.86 2.21 5.25
C ASP B 225 -35.35 2.20 5.00
N VAL B 226 -34.91 1.47 3.98
CA VAL B 226 -33.51 1.48 3.57
C VAL B 226 -33.06 2.83 3.05
N TYR B 227 -33.89 3.48 2.22
CA TYR B 227 -33.57 4.78 1.68
C TYR B 227 -33.30 5.78 2.80
N GLU B 228 -34.20 5.81 3.76
CA GLU B 228 -34.07 6.66 4.95
C GLU B 228 -32.80 6.32 5.74
N ALA B 229 -32.63 5.04 6.06
CA ALA B 229 -31.44 4.60 6.81
C ALA B 229 -30.15 5.02 6.11
N LEU B 230 -30.08 4.86 4.79
CA LEU B 230 -28.84 5.22 4.10
C LEU B 230 -28.66 6.71 3.87
N GLN B 231 -29.76 7.48 3.78
CA GLN B 231 -29.66 8.96 3.82
C GLN B 231 -29.01 9.41 5.15
N SER B 232 -29.52 8.86 6.23
CA SER B 232 -29.05 9.17 7.55
C SER B 232 -27.58 8.72 7.72
N ALA B 233 -27.28 7.51 7.24
CA ALA B 233 -25.93 6.99 7.31
C ALA B 233 -24.97 7.85 6.50
N HIS B 234 -25.43 8.34 5.35
CA HIS B 234 -24.58 9.20 4.53
C HIS B 234 -24.33 10.58 5.14
N ALA B 235 -25.33 11.07 5.89
CA ALA B 235 -25.19 12.34 6.58
C ALA B 235 -24.07 12.20 7.62
N ALA B 236 -24.10 11.09 8.34
CA ALA B 236 -23.15 10.78 9.39
C ALA B 236 -21.76 10.64 8.82
N LEU B 237 -21.68 9.95 7.68
CA LEU B 237 -20.38 9.79 6.96
C LEU B 237 -19.78 11.13 6.59
N ALA B 238 -20.59 12.03 6.05
CA ALA B 238 -20.17 13.36 5.69
C ALA B 238 -19.62 14.17 6.88
N ALA B 239 -20.18 13.94 8.08
CA ALA B 239 -19.75 14.67 9.26
C ALA B 239 -18.69 13.95 10.06
N SER B 240 -18.42 12.68 9.76
CA SER B 240 -17.56 11.83 10.56
C SER B 240 -16.11 12.31 10.57
N SER B 241 -15.44 12.05 11.68
CA SER B 241 -14.08 12.53 11.88
C SER B 241 -13.02 11.40 11.83
N TYR B 242 -13.45 10.14 11.79
CA TYR B 242 -12.50 9.05 11.66
C TYR B 242 -11.79 9.02 10.28
N PRO B 243 -10.55 8.47 10.24
CA PRO B 243 -9.82 8.40 8.96
C PRO B 243 -10.53 7.53 7.94
N LYS B 244 -10.47 7.95 6.68
CA LYS B 244 -11.10 7.23 5.59
C LYS B 244 -10.15 7.08 4.40
N LEU B 245 -10.35 6.00 3.67
CA LEU B 245 -9.61 5.72 2.49
C LEU B 245 -10.62 5.28 1.42
N LEU B 246 -10.79 6.06 0.37
CA LEU B 246 -11.68 5.71 -0.76
C LEU B 246 -10.85 5.26 -1.98
N PHE B 247 -11.13 4.06 -2.46
CA PHE B 247 -10.49 3.57 -3.69
C PHE B 247 -11.43 3.81 -4.86
N THR B 248 -10.87 4.10 -6.02
CA THR B 248 -11.64 4.27 -7.25
C THR B 248 -10.98 3.55 -8.43
N GLY B 249 -11.80 2.97 -9.30
CA GLY B 249 -11.35 2.46 -10.59
C GLY B 249 -11.82 3.35 -11.71
N GLU B 250 -11.29 3.07 -12.90
CA GLU B 250 -11.66 3.74 -14.13
C GLU B 250 -12.24 2.70 -15.10
N PRO B 251 -13.54 2.82 -15.46
CA PRO B 251 -14.48 3.85 -15.06
C PRO B 251 -15.20 3.61 -13.74
N GLY B 252 -14.95 2.47 -13.09
CA GLY B 252 -15.80 2.04 -11.99
C GLY B 252 -17.19 1.62 -12.45
N ALA B 253 -18.15 1.64 -11.52
CA ALA B 253 -19.53 1.26 -11.82
C ALA B 253 -20.50 2.10 -11.02
N LEU B 254 -20.58 1.85 -9.71
CA LEU B 254 -21.39 2.68 -8.84
C LEU B 254 -20.79 4.05 -8.53
N VAL B 255 -19.48 4.18 -8.70
CA VAL B 255 -18.73 5.39 -8.31
C VAL B 255 -17.80 5.76 -9.47
N SER B 256 -18.08 6.89 -10.12
CA SER B 256 -17.25 7.38 -11.20
C SER B 256 -16.04 8.10 -10.59
N PRO B 257 -14.92 8.16 -11.34
CA PRO B 257 -13.73 8.86 -10.88
C PRO B 257 -14.00 10.30 -10.50
N GLU B 258 -14.81 10.96 -11.30
CA GLU B 258 -15.11 12.36 -11.07
C GLU B 258 -15.94 12.48 -9.81
N PHE B 259 -16.90 11.58 -9.64
CA PHE B 259 -17.72 11.58 -8.43
C PHE B 259 -16.83 11.29 -7.21
N ALA B 260 -15.91 10.35 -7.34
CA ALA B 260 -15.04 9.96 -6.23
C ALA B 260 -14.20 11.14 -5.71
N GLU B 261 -13.71 11.94 -6.66
CA GLU B 261 -12.85 13.05 -6.34
C GLU B 261 -13.58 14.11 -5.53
N ARG B 262 -14.79 14.47 -5.96
CA ARG B 262 -15.64 15.41 -5.22
C ARG B 262 -16.13 14.87 -3.87
N PHE B 263 -16.55 13.61 -3.88
CA PHE B 263 -16.95 12.94 -2.65
C PHE B 263 -15.83 12.97 -1.61
N ALA B 264 -14.63 12.49 -1.95
CA ALA B 264 -13.52 12.47 -0.98
C ALA B 264 -13.18 13.84 -0.44
N ALA B 265 -13.10 14.80 -1.34
CA ALA B 265 -12.78 16.19 -0.98
C ALA B 265 -13.83 16.79 -0.02
N SER B 266 -15.06 16.31 -0.09
CA SER B 266 -16.13 16.79 0.80
C SER B 266 -16.05 16.24 2.23
N LEU B 267 -15.40 15.09 2.38
CA LEU B 267 -15.28 14.45 3.68
C LEU B 267 -14.13 15.02 4.50
N THR B 268 -14.15 14.71 5.79
CA THR B 268 -13.06 14.96 6.70
C THR B 268 -12.12 13.75 6.72
N ARG B 269 -10.82 14.00 6.62
CA ARG B 269 -9.81 12.93 6.73
C ARG B 269 -10.03 11.78 5.74
N CYS B 270 -10.34 12.11 4.48
CA CYS B 270 -10.48 11.09 3.44
C CYS B 270 -9.42 11.21 2.36
N ALA B 271 -8.64 10.15 2.20
CA ALA B 271 -7.70 10.07 1.08
C ALA B 271 -8.32 9.29 -0.07
N LEU B 272 -7.95 9.65 -1.28
CA LEU B 272 -8.46 8.97 -2.45
C LEU B 272 -7.31 8.25 -3.14
N ILE B 273 -7.52 6.97 -3.40
CA ILE B 273 -6.50 6.12 -4.01
C ILE B 273 -7.05 5.65 -5.36
N ARG B 274 -6.37 6.04 -6.43
CA ARG B 274 -6.79 5.73 -7.78
C ARG B 274 -6.14 4.44 -8.23
N LEU B 275 -6.95 3.47 -8.62
CA LEU B 275 -6.42 2.14 -8.95
C LEU B 275 -6.18 1.87 -10.44
N GLY B 276 -6.74 2.67 -11.31
CA GLY B 276 -6.66 2.40 -12.76
C GLY B 276 -7.83 1.57 -13.21
N ALA B 277 -7.64 0.80 -14.28
CA ALA B 277 -8.75 0.12 -14.93
C ALA B 277 -9.50 -0.77 -13.98
N GLY B 278 -10.80 -0.53 -13.84
CA GLY B 278 -11.61 -1.34 -12.95
C GLY B 278 -13.07 -1.02 -13.11
N LEU B 279 -13.90 -1.93 -12.63
CA LEU B 279 -15.34 -1.85 -12.77
C LEU B 279 -15.93 -1.93 -11.35
N HIS B 280 -16.83 -2.86 -11.07
CA HIS B 280 -17.47 -2.87 -9.75
C HIS B 280 -16.70 -3.68 -8.71
N TYR B 281 -16.22 -4.88 -9.09
CA TYR B 281 -15.55 -5.82 -8.19
C TYR B 281 -14.05 -5.59 -8.16
N LEU B 282 -13.67 -4.43 -7.62
CA LEU B 282 -12.28 -3.96 -7.70
C LEU B 282 -11.22 -4.86 -7.06
N GLN B 283 -11.59 -5.60 -6.01
CA GLN B 283 -10.67 -6.48 -5.30
C GLN B 283 -10.03 -7.49 -6.25
N GLU B 284 -10.81 -7.96 -7.22
CA GLU B 284 -10.33 -9.02 -8.10
C GLU B 284 -9.29 -8.51 -9.11
N ASP B 285 -9.34 -7.23 -9.48
CA ASP B 285 -8.37 -6.62 -10.36
C ASP B 285 -7.21 -5.92 -9.64
N HIS B 286 -7.42 -5.60 -8.37
CA HIS B 286 -6.47 -4.72 -7.63
C HIS B 286 -6.18 -5.15 -6.23
N ALA B 287 -6.17 -6.47 -5.99
CA ALA B 287 -5.96 -6.98 -4.62
C ALA B 287 -4.68 -6.47 -3.97
N ASP B 288 -3.58 -6.51 -4.74
CA ASP B 288 -2.32 -6.10 -4.20
C ASP B 288 -2.28 -4.60 -3.87
N ALA B 289 -2.75 -3.75 -4.77
CA ALA B 289 -2.79 -2.33 -4.52
C ALA B 289 -3.69 -2.04 -3.29
N ILE B 290 -4.84 -2.68 -3.21
CA ILE B 290 -5.77 -2.39 -2.06
C ILE B 290 -5.12 -2.85 -0.74
N GLY B 291 -4.60 -4.07 -0.72
CA GLY B 291 -4.00 -4.63 0.48
C GLY B 291 -2.81 -3.84 1.00
N ARG B 292 -1.90 -3.50 0.07
CA ARG B 292 -0.73 -2.73 0.44
C ARG B 292 -1.16 -1.36 0.98
N SER B 293 -2.12 -0.74 0.30
CA SER B 293 -2.61 0.57 0.71
C SER B 293 -3.19 0.55 2.13
N VAL B 294 -4.07 -0.41 2.38
CA VAL B 294 -4.74 -0.54 3.67
C VAL B 294 -3.74 -0.81 4.78
N ALA B 295 -2.81 -1.73 4.52
CA ALA B 295 -1.81 -2.09 5.53
C ALA B 295 -0.97 -0.85 5.88
N GLY B 296 -0.50 -0.11 4.87
CA GLY B 296 0.30 1.11 5.13
C GLY B 296 -0.45 2.14 5.97
N TRP B 297 -1.68 2.34 5.59
CA TRP B 297 -2.59 3.30 6.23
C TRP B 297 -2.83 2.97 7.71
N ILE B 298 -3.17 1.71 8.02
CA ILE B 298 -3.32 1.29 9.40
C ILE B 298 -2.03 1.46 10.20
N ALA B 299 -0.91 1.09 9.59
CA ALA B 299 0.39 1.18 10.26
C ALA B 299 0.69 2.64 10.63
N GLY B 300 0.37 3.56 9.72
CA GLY B 300 0.59 5.00 9.89
C GLY B 300 -0.26 5.56 11.02
N ILE B 301 -1.55 5.22 10.98
CA ILE B 301 -2.49 5.72 11.99
C ILE B 301 -2.07 5.23 13.37
N GLU B 302 -1.78 3.93 13.48
CA GLU B 302 -1.45 3.34 14.77
C GLU B 302 -0.10 3.77 15.32
N ALA B 303 0.74 4.33 14.45
CA ALA B 303 2.02 4.87 14.86
C ALA B 303 1.88 6.22 15.56
N VAL B 304 0.74 6.88 15.38
CA VAL B 304 0.53 8.27 15.82
C VAL B 304 -0.57 8.32 16.88
N ARG B 305 -1.50 7.39 16.79
CA ARG B 305 -2.49 7.03 17.83
C ARG B 305 -3.56 7.86 17.30
#